data_7F5Q
#
_entry.id   7F5Q
#
_cell.length_a   63.570
_cell.length_b   63.880
_cell.length_c   151.880
_cell.angle_alpha   90.000
_cell.angle_beta   90.000
_cell.angle_gamma   90.000
#
_symmetry.space_group_name_H-M   'P 21 21 21'
#
loop_
_entity.id
_entity.type
_entity.pdbx_description
1 polymer 'Peptide Asparaginyl Ligases'
2 branched alpha-D-mannopyranose-(1-4)-2-acetamido-2-deoxy-beta-D-glucopyranose-(1-4)-2-acetamido-2-deoxy-beta-D-glucopyranose
3 branched 2-acetamido-2-deoxy-beta-D-glucopyranose-(1-4)-2-acetamido-2-deoxy-beta-D-glucopyranose
4 non-polymer 2-acetamido-2-deoxy-beta-D-glucopyranose
5 non-polymer 1,2-ETHANEDIOL
6 water water
#
_entity_poly.entity_id   1
_entity_poly.type   'polypeptide(L)'
_entity_poly.pdbx_seq_one_letter_code
;SIGTRWAVLIAGSKGYHNYRHQADVCHMYQILRKGGVKDENIIVFMYDDIAYNESNPFPGIIINKPGGENVYKGVPKDYT
GEDINNVNFLAAILGNKSAIIGGSGKVLDTSPNDHIFIYYA(HD0)GAPGKIGMPSKPYLYADDLVDTLKQKAATGTYKS
MVFYVEACNAGSMFEGLLPEGTNIYAMAASNSTEGSWITYCPGTPDFPPEFDVCLGDLWSITFLEDCDAHNLRTETVHQQ
FELVKKKIAYASTVSQYGDIPISKDSLSVYMGTDPANDNRTFVDEN
;
_entity_poly.pdbx_strand_id   A,B
#
# COMPACT_ATOMS: atom_id res chain seq x y z
N ILE A 2 -24.10 -2.50 17.33
CA ILE A 2 -22.83 -1.70 17.53
C ILE A 2 -22.29 -1.22 16.18
N GLY A 3 -22.26 -2.11 15.16
CA GLY A 3 -21.83 -1.75 13.81
C GLY A 3 -20.31 -1.69 13.62
N THR A 4 -19.87 -1.17 12.47
CA THR A 4 -18.46 -1.10 12.11
C THR A 4 -18.04 0.37 11.98
N ARG A 5 -16.79 0.67 12.35
CA ARG A 5 -16.22 1.98 12.06
C ARG A 5 -15.53 1.98 10.70
N TRP A 6 -15.90 2.93 9.84
CA TRP A 6 -15.28 3.15 8.54
C TRP A 6 -14.65 4.55 8.50
N ALA A 7 -13.74 4.73 7.53
CA ALA A 7 -13.09 6.01 7.29
C ALA A 7 -12.74 6.13 5.82
N VAL A 8 -12.78 7.36 5.31
CA VAL A 8 -12.18 7.69 4.04
C VAL A 8 -11.17 8.80 4.32
N LEU A 9 -9.90 8.55 3.98
CA LEU A 9 -8.84 9.53 4.16
C LEU A 9 -8.33 9.97 2.79
N ILE A 10 -8.31 11.29 2.55
CA ILE A 10 -7.96 11.77 1.23
C ILE A 10 -7.09 13.02 1.36
N ALA A 11 -5.93 12.99 0.69
CA ALA A 11 -5.13 14.18 0.43
C ALA A 11 -5.39 14.59 -1.02
N GLY A 12 -5.90 15.80 -1.22
CA GLY A 12 -6.38 16.18 -2.54
C GLY A 12 -5.31 16.86 -3.39
N SER A 13 -4.04 16.73 -3.01
CA SER A 13 -2.98 17.43 -3.73
C SER A 13 -1.87 16.48 -4.17
N LYS A 14 -0.98 16.98 -5.04
CA LYS A 14 0.23 16.27 -5.44
C LYS A 14 1.40 17.25 -5.46
N GLY A 15 2.61 16.69 -5.58
CA GLY A 15 3.83 17.48 -5.63
C GLY A 15 4.52 17.48 -4.27
N TYR A 16 5.85 17.37 -4.32
CA TYR A 16 6.63 17.28 -3.10
C TYR A 16 6.40 18.48 -2.17
N HIS A 17 6.05 19.64 -2.74
CA HIS A 17 5.87 20.82 -1.94
C HIS A 17 4.64 20.69 -1.03
N ASN A 18 3.73 19.78 -1.41
CA ASN A 18 2.50 19.53 -0.67
C ASN A 18 2.64 18.30 0.22
N TYR A 19 3.90 18.02 0.63
CA TYR A 19 4.27 16.97 1.56
C TYR A 19 3.28 16.85 2.71
N ARG A 20 2.93 17.99 3.31
CA ARG A 20 2.11 18.08 4.52
C ARG A 20 0.74 17.41 4.42
N HIS A 21 0.10 17.44 3.23
CA HIS A 21 -1.24 16.92 3.06
C HIS A 21 -1.24 15.39 3.18
N GLN A 22 -0.23 14.75 2.59
CA GLN A 22 -0.10 13.31 2.65
C GLN A 22 0.34 12.89 4.04
N ALA A 23 1.18 13.72 4.67
CA ALA A 23 1.66 13.49 6.02
C ALA A 23 0.48 13.49 7.01
N ASP A 24 -0.42 14.49 6.91
CA ASP A 24 -1.59 14.63 7.78
C ASP A 24 -2.46 13.38 7.66
N VAL A 25 -2.67 12.92 6.43
CA VAL A 25 -3.56 11.79 6.17
C VAL A 25 -2.94 10.51 6.70
N CYS A 26 -1.62 10.33 6.48
CA CYS A 26 -0.91 9.18 7.03
C CYS A 26 -1.05 9.15 8.55
N HIS A 27 -0.89 10.32 9.19
CA HIS A 27 -1.02 10.47 10.62
C HIS A 27 -2.39 9.97 11.08
N MET A 28 -3.44 10.42 10.40
CA MET A 28 -4.81 10.04 10.73
C MET A 28 -4.96 8.52 10.65
N TYR A 29 -4.34 7.90 9.63
CA TYR A 29 -4.36 6.46 9.51
C TYR A 29 -3.85 5.82 10.80
N GLN A 30 -2.73 6.33 11.32
CA GLN A 30 -2.07 5.71 12.45
C GLN A 30 -2.98 5.76 13.68
N ILE A 31 -3.80 6.82 13.76
CA ILE A 31 -4.73 6.99 14.87
C ILE A 31 -5.78 5.90 14.82
N LEU A 32 -6.34 5.70 13.62
CA LEU A 32 -7.39 4.72 13.36
C LEU A 32 -6.87 3.30 13.65
N ARG A 33 -5.65 3.00 13.18
CA ARG A 33 -5.08 1.67 13.35
C ARG A 33 -4.95 1.38 14.84
N LYS A 34 -4.42 2.34 15.60
CA LYS A 34 -4.20 2.12 17.02
C LYS A 34 -5.53 1.99 17.74
N GLY A 35 -6.58 2.58 17.15
CA GLY A 35 -7.91 2.57 17.75
C GLY A 35 -8.70 1.29 17.49
N GLY A 36 -8.17 0.37 16.65
CA GLY A 36 -8.87 -0.86 16.33
C GLY A 36 -9.69 -0.78 15.04
N VAL A 37 -9.55 0.29 14.25
CA VAL A 37 -10.27 0.37 12.99
C VAL A 37 -9.54 -0.51 11.97
N LYS A 38 -10.30 -1.25 11.15
CA LYS A 38 -9.68 -2.27 10.32
C LYS A 38 -9.38 -1.68 8.94
N ASP A 39 -8.27 -2.13 8.34
CA ASP A 39 -7.82 -1.70 7.03
C ASP A 39 -8.92 -1.85 5.99
N GLU A 40 -9.69 -2.94 6.06
CA GLU A 40 -10.70 -3.19 5.05
C GLU A 40 -11.81 -2.12 5.10
N ASN A 41 -11.79 -1.31 6.16
CA ASN A 41 -12.80 -0.29 6.34
C ASN A 41 -12.20 1.13 6.26
N ILE A 42 -10.90 1.25 5.97
CA ILE A 42 -10.25 2.54 5.80
C ILE A 42 -9.82 2.72 4.34
N ILE A 43 -10.52 3.62 3.63
CA ILE A 43 -10.22 3.88 2.23
C ILE A 43 -9.24 5.04 2.14
N VAL A 44 -8.07 4.83 1.52
CA VAL A 44 -7.02 5.84 1.52
C VAL A 44 -6.75 6.36 0.11
N PHE A 45 -6.86 7.67 -0.05
CA PHE A 45 -6.46 8.36 -1.27
C PHE A 45 -5.24 9.21 -0.96
N MET A 46 -4.07 8.84 -1.50
CA MET A 46 -2.90 9.70 -1.43
C MET A 46 -2.03 9.49 -2.66
N TYR A 47 -1.46 10.60 -3.16
CA TYR A 47 -0.86 10.56 -4.49
C TYR A 47 0.31 9.59 -4.51
N ASP A 48 1.10 9.58 -3.42
CA ASP A 48 2.18 8.63 -3.18
C ASP A 48 3.43 9.04 -3.95
N ASP A 49 3.72 10.34 -3.91
CA ASP A 49 4.90 10.90 -4.56
C ASP A 49 5.81 11.52 -3.51
N ILE A 50 5.64 11.15 -2.23
CA ILE A 50 6.39 11.81 -1.17
C ILE A 50 7.48 10.88 -0.65
N ALA A 51 7.11 9.64 -0.29
CA ALA A 51 8.00 8.76 0.47
C ALA A 51 9.28 8.44 -0.29
N TYR A 52 9.17 8.26 -1.61
CA TYR A 52 10.34 7.91 -2.40
C TYR A 52 10.66 9.00 -3.41
N ASN A 53 10.23 10.23 -3.10
CA ASN A 53 10.59 11.38 -3.89
C ASN A 53 12.10 11.58 -3.85
N GLU A 54 12.66 12.07 -4.96
CA GLU A 54 14.06 12.39 -5.06
C GLU A 54 14.44 13.43 -4.01
N SER A 55 13.52 14.35 -3.69
CA SER A 55 13.85 15.41 -2.75
C SER A 55 13.71 14.94 -1.30
N ASN A 56 13.16 13.74 -1.09
CA ASN A 56 12.91 13.30 0.27
C ASN A 56 14.23 12.92 0.92
N PRO A 57 14.70 13.66 1.95
CA PRO A 57 15.96 13.33 2.60
C PRO A 57 15.93 12.01 3.38
N PHE A 58 14.73 11.47 3.68
CA PHE A 58 14.59 10.20 4.37
C PHE A 58 13.71 9.23 3.57
N PRO A 59 14.23 8.59 2.51
CA PRO A 59 13.40 7.70 1.67
C PRO A 59 12.62 6.66 2.48
N GLY A 60 11.33 6.49 2.14
CA GLY A 60 10.49 5.52 2.82
C GLY A 60 9.88 6.05 4.11
N ILE A 61 10.23 7.28 4.49
CA ILE A 61 9.72 7.88 5.72
C ILE A 61 8.95 9.16 5.37
N ILE A 62 7.84 9.36 6.11
CA ILE A 62 7.10 10.61 6.15
C ILE A 62 6.83 10.90 7.62
N ILE A 63 7.11 12.15 8.04
CA ILE A 63 6.79 12.59 9.38
C ILE A 63 5.79 13.75 9.31
N ASN A 64 5.00 13.91 10.37
CA ASN A 64 3.98 14.95 10.44
C ASN A 64 4.33 15.95 11.55
N LYS A 65 5.57 15.87 12.04
CA LYS A 65 6.00 16.59 13.23
C LYS A 65 7.52 16.49 13.30
N PRO A 66 8.25 17.55 13.69
CA PRO A 66 9.70 17.43 13.92
C PRO A 66 9.93 16.37 15.00
N GLY A 67 10.76 15.37 14.68
CA GLY A 67 11.07 14.34 15.66
C GLY A 67 10.00 13.26 15.72
N GLY A 68 9.02 13.32 14.81
CA GLY A 68 7.87 12.42 14.81
C GLY A 68 8.21 11.03 14.29
N GLU A 69 7.29 10.09 14.50
CA GLU A 69 7.42 8.74 13.96
C GLU A 69 7.11 8.75 12.47
N ASN A 70 7.46 7.65 11.80
CA ASN A 70 7.21 7.46 10.39
C ASN A 70 5.73 7.13 10.20
N VAL A 71 4.94 8.08 9.69
CA VAL A 71 3.52 7.87 9.60
C VAL A 71 3.16 7.09 8.33
N TYR A 72 4.15 6.84 7.48
CA TYR A 72 3.91 6.22 6.19
C TYR A 72 3.84 4.70 6.28
N LYS A 73 4.52 4.12 7.29
CA LYS A 73 4.59 2.67 7.41
C LYS A 73 3.21 2.07 7.67
N GLY A 74 2.80 1.15 6.81
CA GLY A 74 1.62 0.34 7.03
C GLY A 74 0.35 1.00 6.50
N VAL A 75 0.48 2.20 5.92
CA VAL A 75 -0.67 2.91 5.38
C VAL A 75 -1.11 2.22 4.09
N PRO A 76 -2.36 1.71 4.01
CA PRO A 76 -2.90 1.14 2.77
C PRO A 76 -3.01 2.23 1.71
N LYS A 77 -2.87 1.86 0.46
CA LYS A 77 -3.14 2.82 -0.58
C LYS A 77 -4.24 2.23 -1.44
N ASP A 78 -5.38 2.91 -1.51
CA ASP A 78 -6.48 2.39 -2.31
C ASP A 78 -6.53 3.11 -3.65
N TYR A 79 -6.25 4.42 -3.64
CA TYR A 79 -6.27 5.24 -4.84
C TYR A 79 -5.05 6.15 -4.79
N THR A 80 -4.16 5.98 -5.77
CA THR A 80 -2.95 6.79 -5.86
C THR A 80 -2.89 7.42 -7.25
N GLY A 81 -1.93 8.34 -7.43
CA GLY A 81 -1.75 9.00 -8.71
C GLY A 81 -3.04 9.65 -9.17
N GLU A 82 -3.36 9.52 -10.46
CA GLU A 82 -4.51 10.22 -11.02
C GLU A 82 -5.80 9.42 -10.77
N ASP A 83 -5.75 8.36 -9.96
CA ASP A 83 -6.97 7.68 -9.56
C ASP A 83 -7.65 8.41 -8.39
N ILE A 84 -6.99 9.46 -7.87
CA ILE A 84 -7.61 10.40 -6.97
C ILE A 84 -8.28 11.48 -7.82
N ASN A 85 -9.61 11.37 -7.96
CA ASN A 85 -10.39 12.31 -8.75
C ASN A 85 -11.81 12.29 -8.19
N ASN A 86 -12.64 13.24 -8.63
CA ASN A 86 -14.01 13.37 -8.16
C ASN A 86 -14.76 12.05 -8.30
N VAL A 87 -14.63 11.40 -9.45
CA VAL A 87 -15.40 10.19 -9.76
C VAL A 87 -15.17 9.15 -8.69
N ASN A 88 -13.89 8.81 -8.42
CA ASN A 88 -13.57 7.75 -7.48
C ASN A 88 -13.83 8.19 -6.03
N PHE A 89 -13.62 9.46 -5.72
CA PHE A 89 -13.88 9.90 -4.35
C PHE A 89 -15.37 9.78 -4.03
N LEU A 90 -16.23 10.29 -4.92
CA LEU A 90 -17.66 10.32 -4.67
C LEU A 90 -18.25 8.90 -4.76
N ALA A 91 -17.73 8.09 -5.69
CA ALA A 91 -18.15 6.70 -5.80
C ALA A 91 -17.79 5.94 -4.52
N ALA A 92 -16.61 6.21 -3.96
CA ALA A 92 -16.17 5.55 -2.75
C ALA A 92 -17.12 5.88 -1.59
N ILE A 93 -17.50 7.16 -1.49
CA ILE A 93 -18.40 7.60 -0.42
C ILE A 93 -19.76 6.92 -0.58
N LEU A 94 -20.29 6.90 -1.79
CA LEU A 94 -21.60 6.32 -2.08
C LEU A 94 -21.58 4.80 -1.90
N GLY A 95 -20.38 4.18 -2.01
CA GLY A 95 -20.25 2.73 -1.98
C GLY A 95 -20.61 2.07 -3.31
N ASN A 96 -20.45 2.77 -4.43
CA ASN A 96 -20.79 2.27 -5.75
C ASN A 96 -19.54 1.71 -6.43
N LYS A 97 -19.27 0.42 -6.23
CA LYS A 97 -18.08 -0.25 -6.71
C LYS A 97 -18.01 -0.19 -8.24
N SER A 98 -19.17 -0.27 -8.89
CA SER A 98 -19.18 -0.36 -10.34
C SER A 98 -18.89 1.00 -10.99
N ALA A 99 -18.74 2.05 -10.18
CA ALA A 99 -18.45 3.36 -10.76
C ALA A 99 -16.96 3.73 -10.60
N ILE A 100 -16.20 2.89 -9.90
CA ILE A 100 -14.78 3.10 -9.65
C ILE A 100 -13.98 2.82 -10.92
N ILE A 101 -13.04 3.70 -11.26
CA ILE A 101 -12.07 3.46 -12.33
C ILE A 101 -10.65 3.44 -11.77
N GLY A 102 -10.04 2.25 -11.73
CA GLY A 102 -8.68 2.19 -11.23
C GLY A 102 -8.65 2.06 -9.71
N GLY A 103 -7.45 1.90 -9.15
CA GLY A 103 -7.32 1.72 -7.71
C GLY A 103 -7.81 0.35 -7.26
N SER A 104 -8.05 0.19 -5.96
CA SER A 104 -8.26 -1.12 -5.37
C SER A 104 -9.70 -1.58 -5.53
N GLY A 105 -10.63 -0.62 -5.63
CA GLY A 105 -12.04 -0.96 -5.65
C GLY A 105 -12.69 -0.90 -4.26
N LYS A 106 -11.91 -0.61 -3.22
CA LYS A 106 -12.47 -0.42 -1.90
C LYS A 106 -13.42 0.78 -1.88
N VAL A 107 -14.62 0.62 -1.30
CA VAL A 107 -15.62 1.67 -1.20
C VAL A 107 -16.37 1.56 0.14
N LEU A 108 -17.23 2.55 0.45
CA LEU A 108 -18.03 2.48 1.67
C LEU A 108 -19.25 1.59 1.47
N ASP A 109 -19.05 0.27 1.59
CA ASP A 109 -20.13 -0.71 1.58
C ASP A 109 -20.74 -0.83 2.98
N THR A 110 -21.37 0.24 3.44
CA THR A 110 -21.72 0.36 4.86
C THR A 110 -23.14 -0.14 5.12
N SER A 111 -23.41 -0.45 6.39
CA SER A 111 -24.69 -0.90 6.89
C SER A 111 -25.29 0.17 7.79
N PRO A 112 -26.64 0.15 7.99
CA PRO A 112 -27.33 1.16 8.81
C PRO A 112 -26.79 1.55 10.19
N ASN A 113 -26.05 0.65 10.85
CA ASN A 113 -25.57 0.92 12.19
C ASN A 113 -24.09 1.33 12.19
N ASP A 114 -23.51 1.57 11.00
CA ASP A 114 -22.09 1.84 10.90
C ASP A 114 -21.80 3.34 11.10
N HIS A 115 -20.57 3.63 11.53
CA HIS A 115 -20.08 5.00 11.69
C HIS A 115 -19.07 5.30 10.61
N ILE A 116 -19.12 6.53 10.07
CA ILE A 116 -18.23 6.93 8.99
C ILE A 116 -17.45 8.17 9.43
N PHE A 117 -16.12 8.11 9.28
CA PHE A 117 -15.29 9.27 9.50
C PHE A 117 -14.60 9.65 8.20
N ILE A 118 -14.77 10.88 7.74
CA ILE A 118 -14.09 11.30 6.53
C ILE A 118 -13.08 12.38 6.88
N TYR A 119 -11.86 12.23 6.38
CA TYR A 119 -10.90 13.31 6.57
C TYR A 119 -10.27 13.72 5.25
N TYR A 120 -10.48 14.99 4.86
CA TYR A 120 -9.89 15.55 3.66
C TYR A 120 -8.82 16.59 4.03
N ALA A 121 -7.65 16.50 3.38
CA ALA A 121 -6.64 17.53 3.56
C ALA A 121 -6.05 17.97 2.20
N GLY A 123 -7.87 24.58 -1.11
CA GLY A 123 -9.25 24.97 -1.22
C GLY A 123 -9.41 26.41 -1.70
N ALA A 124 -10.63 26.75 -2.12
CA ALA A 124 -11.02 28.09 -2.51
C ALA A 124 -12.52 28.22 -2.28
N PRO A 125 -13.14 29.42 -2.35
CA PRO A 125 -14.58 29.53 -2.09
C PRO A 125 -15.38 28.60 -3.00
N GLY A 126 -16.06 27.63 -2.38
CA GLY A 126 -16.98 26.74 -3.07
C GLY A 126 -16.32 25.49 -3.67
N LYS A 127 -15.02 25.25 -3.41
CA LYS A 127 -14.34 24.10 -4.02
C LYS A 127 -13.12 23.67 -3.21
N ILE A 128 -12.81 22.37 -3.27
CA ILE A 128 -11.55 21.84 -2.76
C ILE A 128 -10.82 21.13 -3.91
N GLY A 129 -9.52 20.93 -3.70
CA GLY A 129 -8.64 20.46 -4.75
C GLY A 129 -8.74 18.96 -4.97
N MET A 130 -8.45 18.56 -6.21
CA MET A 130 -8.01 17.22 -6.57
C MET A 130 -6.63 17.40 -7.17
N PRO A 131 -5.79 16.34 -7.26
CA PRO A 131 -4.45 16.48 -7.85
C PRO A 131 -4.45 17.22 -9.18
N SER A 132 -5.40 16.86 -10.05
CA SER A 132 -5.62 17.54 -11.31
C SER A 132 -7.06 18.05 -11.37
N LYS A 133 -7.26 19.14 -12.12
CA LYS A 133 -8.59 19.56 -12.51
C LYS A 133 -9.28 18.37 -13.20
N PRO A 134 -10.63 18.19 -13.10
CA PRO A 134 -11.50 19.09 -12.33
C PRO A 134 -11.46 18.91 -10.82
N TYR A 135 -11.60 20.05 -10.11
CA TYR A 135 -11.71 20.14 -8.67
C TYR A 135 -13.12 19.76 -8.23
N LEU A 136 -13.31 19.67 -6.91
CA LEU A 136 -14.56 19.23 -6.30
C LEU A 136 -15.36 20.44 -5.79
N TYR A 137 -16.49 20.71 -6.44
CA TYR A 137 -17.37 21.81 -6.08
C TYR A 137 -18.31 21.38 -4.96
N ALA A 138 -18.68 22.37 -4.12
CA ALA A 138 -19.52 22.16 -2.94
C ALA A 138 -20.79 21.39 -3.29
N ASP A 139 -21.48 21.81 -4.36
CA ASP A 139 -22.77 21.23 -4.72
C ASP A 139 -22.62 19.75 -5.04
N ASP A 140 -21.53 19.42 -5.74
CA ASP A 140 -21.24 18.06 -6.16
C ASP A 140 -20.99 17.19 -4.93
N LEU A 141 -20.21 17.69 -3.96
CA LEU A 141 -19.91 16.95 -2.75
C LEU A 141 -21.19 16.73 -1.94
N VAL A 142 -21.95 17.83 -1.73
CA VAL A 142 -23.14 17.77 -0.90
C VAL A 142 -24.20 16.86 -1.52
N ASP A 143 -24.32 16.86 -2.86
CA ASP A 143 -25.29 16.00 -3.52
C ASP A 143 -24.99 14.52 -3.29
N THR A 144 -23.69 14.15 -3.33
CA THR A 144 -23.30 12.78 -3.00
C THR A 144 -23.65 12.47 -1.55
N LEU A 145 -23.39 13.42 -0.65
CA LEU A 145 -23.70 13.20 0.75
C LEU A 145 -25.21 13.04 0.97
N LYS A 146 -26.02 13.77 0.19
CA LYS A 146 -27.47 13.62 0.24
C LYS A 146 -27.92 12.26 -0.29
N GLN A 147 -27.30 11.78 -1.38
CA GLN A 147 -27.67 10.48 -1.92
C GLN A 147 -27.33 9.40 -0.91
N LYS A 148 -26.17 9.51 -0.26
CA LYS A 148 -25.74 8.48 0.69
C LYS A 148 -26.70 8.43 1.88
N ALA A 149 -27.14 9.61 2.34
CA ALA A 149 -28.13 9.71 3.41
C ALA A 149 -29.43 9.02 3.00
N ALA A 150 -29.90 9.28 1.78
CA ALA A 150 -31.13 8.67 1.28
C ALA A 150 -31.06 7.14 1.27
N THR A 151 -29.83 6.57 1.19
CA THR A 151 -29.70 5.12 1.20
C THR A 151 -29.86 4.56 2.61
N GLY A 152 -29.69 5.40 3.63
CA GLY A 152 -29.81 4.97 5.03
C GLY A 152 -28.75 3.96 5.44
N THR A 153 -27.61 3.94 4.75
CA THR A 153 -26.62 2.89 4.99
C THR A 153 -25.51 3.37 5.92
N TYR A 154 -25.85 4.19 6.92
CA TYR A 154 -24.93 4.51 8.01
C TYR A 154 -25.77 5.07 9.15
N LYS A 155 -25.23 5.01 10.36
CA LYS A 155 -25.88 5.62 11.51
C LYS A 155 -25.51 7.10 11.55
N SER A 156 -24.22 7.43 11.60
CA SER A 156 -23.83 8.83 11.57
C SER A 156 -22.45 9.00 10.95
N MET A 157 -22.17 10.21 10.48
CA MET A 157 -20.94 10.52 9.77
C MET A 157 -20.35 11.84 10.28
N VAL A 158 -19.03 11.80 10.53
CA VAL A 158 -18.24 12.98 10.86
C VAL A 158 -17.27 13.24 9.71
N PHE A 159 -17.22 14.50 9.26
CA PHE A 159 -16.43 14.92 8.12
C PHE A 159 -15.54 16.10 8.53
N TYR A 160 -14.22 15.88 8.51
CA TYR A 160 -13.24 16.91 8.85
C TYR A 160 -12.55 17.39 7.58
N VAL A 161 -12.50 18.72 7.39
CA VAL A 161 -11.94 19.28 6.17
C VAL A 161 -10.83 20.26 6.54
N GLU A 162 -9.60 19.91 6.12
CA GLU A 162 -8.46 20.82 6.16
C GLU A 162 -8.27 21.41 4.76
N ALA A 163 -8.68 22.68 4.57
CA ALA A 163 -8.54 23.38 3.29
C ALA A 163 -8.79 24.86 3.52
N CYS A 164 -8.33 25.70 2.58
CA CYS A 164 -8.66 27.10 2.56
C CYS A 164 -10.17 27.25 2.30
N ASN A 165 -10.80 28.18 3.04
CA ASN A 165 -12.20 28.54 2.87
C ASN A 165 -13.10 27.33 3.10
N ALA A 166 -12.65 26.40 3.95
CA ALA A 166 -13.23 25.08 4.11
C ALA A 166 -14.73 25.15 4.36
N GLY A 167 -15.15 26.08 5.22
CA GLY A 167 -16.54 26.19 5.60
C GLY A 167 -17.47 26.43 4.41
N SER A 168 -16.89 26.92 3.30
CA SER A 168 -17.65 27.20 2.08
C SER A 168 -18.17 25.91 1.44
N MET A 169 -17.60 24.77 1.79
CA MET A 169 -18.06 23.52 1.20
C MET A 169 -19.39 23.11 1.83
N PHE A 170 -19.75 23.66 3.00
CA PHE A 170 -20.89 23.16 3.74
C PHE A 170 -21.91 24.27 4.06
N GLU A 171 -21.43 25.52 4.12
CA GLU A 171 -22.22 26.63 4.63
C GLU A 171 -23.52 26.77 3.84
N GLY A 172 -24.66 26.59 4.52
CA GLY A 172 -25.97 26.78 3.92
C GLY A 172 -26.39 25.66 2.96
N LEU A 173 -25.63 24.56 2.92
CA LEU A 173 -25.86 23.48 1.96
C LEU A 173 -26.09 22.16 2.68
N LEU A 174 -25.27 21.90 3.71
CA LEU A 174 -25.28 20.61 4.38
C LEU A 174 -26.53 20.50 5.24
N PRO A 175 -27.43 19.52 4.97
CA PRO A 175 -28.65 19.35 5.79
C PRO A 175 -28.29 19.04 7.23
N GLU A 176 -29.22 19.31 8.15
CA GLU A 176 -28.92 19.30 9.58
C GLU A 176 -29.62 18.14 10.29
N GLY A 177 -30.34 17.30 9.53
CA GLY A 177 -31.06 16.18 10.11
C GLY A 177 -30.75 14.83 9.45
N THR A 178 -29.56 14.67 8.83
CA THR A 178 -29.22 13.41 8.17
C THR A 178 -28.01 12.75 8.83
N ASN A 179 -27.73 13.16 10.07
CA ASN A 179 -26.69 12.58 10.90
C ASN A 179 -25.31 12.79 10.26
N ILE A 180 -25.11 13.94 9.63
CA ILE A 180 -23.79 14.30 9.15
C ILE A 180 -23.31 15.56 9.87
N TYR A 181 -22.21 15.44 10.59
CA TYR A 181 -21.57 16.56 11.23
C TYR A 181 -20.25 16.89 10.51
N ALA A 182 -20.03 18.17 10.20
CA ALA A 182 -18.81 18.60 9.54
C ALA A 182 -18.06 19.62 10.40
N MET A 183 -16.74 19.48 10.48
CA MET A 183 -15.85 20.46 11.08
C MET A 183 -14.82 20.89 10.04
N ALA A 184 -14.59 22.20 9.94
CA ALA A 184 -13.69 22.77 8.95
C ALA A 184 -12.58 23.57 9.65
N ALA A 185 -11.37 23.52 9.08
CA ALA A 185 -10.21 24.25 9.57
C ALA A 185 -10.47 25.75 9.60
N SER A 186 -11.32 26.22 8.68
CA SER A 186 -11.48 27.65 8.50
C SER A 186 -12.90 27.92 8.01
N ASN A 187 -13.37 29.15 8.25
CA ASN A 187 -14.64 29.66 7.77
C ASN A 187 -14.58 29.83 6.25
N SER A 188 -15.70 30.17 5.62
CA SER A 188 -15.77 30.27 4.17
C SER A 188 -14.92 31.43 3.62
N THR A 189 -14.52 32.38 4.49
CA THR A 189 -13.78 33.55 4.06
C THR A 189 -12.29 33.53 4.41
N GLU A 190 -11.81 32.49 5.09
CA GLU A 190 -10.45 32.49 5.60
C GLU A 190 -9.60 31.42 4.94
N GLY A 191 -8.32 31.74 4.74
CA GLY A 191 -7.35 30.71 4.41
C GLY A 191 -6.95 29.94 5.67
N SER A 192 -6.36 28.77 5.49
CA SER A 192 -5.88 28.03 6.64
C SER A 192 -4.35 27.99 6.65
N TRP A 193 -3.79 27.85 7.84
CA TRP A 193 -2.38 28.06 8.06
C TRP A 193 -1.62 26.74 7.98
N ILE A 194 -0.39 26.85 7.48
CA ILE A 194 0.58 25.77 7.47
C ILE A 194 1.36 25.87 8.76
N THR A 195 2.00 24.79 9.18
CA THR A 195 2.88 24.82 10.34
C THR A 195 4.05 23.86 10.14
N TYR A 196 4.93 23.79 11.14
CA TYR A 196 6.13 22.96 11.10
C TYR A 196 6.95 23.27 9.86
N CYS A 197 7.38 24.53 9.73
CA CYS A 197 8.09 24.98 8.55
C CYS A 197 9.59 25.01 8.83
N PRO A 198 10.46 24.96 7.79
CA PRO A 198 11.90 25.12 7.99
C PRO A 198 12.19 26.36 8.86
N GLY A 199 13.09 26.22 9.83
CA GLY A 199 13.38 27.30 10.77
C GLY A 199 12.94 27.01 12.20
N THR A 200 11.81 26.32 12.37
CA THR A 200 11.29 25.99 13.70
C THR A 200 12.31 25.14 14.45
N PRO A 201 12.42 25.23 15.79
CA PRO A 201 13.41 24.44 16.54
C PRO A 201 13.26 22.93 16.37
N ASP A 202 14.42 22.24 16.34
CA ASP A 202 14.48 20.78 16.27
C ASP A 202 13.95 20.25 14.94
N PHE A 203 13.89 21.14 13.93
CA PHE A 203 13.51 20.77 12.57
C PHE A 203 14.58 19.89 11.93
N PRO A 204 14.22 18.73 11.32
CA PRO A 204 15.22 17.81 10.77
C PRO A 204 15.93 18.49 9.60
N PRO A 205 17.26 18.27 9.44
CA PRO A 205 18.01 18.89 8.35
C PRO A 205 17.57 18.43 6.96
N GLU A 206 17.72 19.34 5.99
CA GLU A 206 17.63 19.03 4.57
C GLU A 206 16.18 18.92 4.12
N PHE A 207 15.26 19.36 5.00
CA PHE A 207 13.87 19.55 4.66
C PHE A 207 13.67 21.01 4.25
N ASP A 208 13.04 21.19 3.09
CA ASP A 208 12.68 22.54 2.67
C ASP A 208 11.16 22.66 2.52
N VAL A 209 10.42 21.71 3.12
CA VAL A 209 8.97 21.70 3.06
C VAL A 209 8.39 21.67 4.47
N CYS A 210 7.20 22.24 4.61
CA CYS A 210 6.47 22.21 5.86
C CYS A 210 5.88 20.81 6.07
N LEU A 211 5.88 20.35 7.33
CA LEU A 211 5.52 18.98 7.65
C LEU A 211 4.02 18.82 7.90
N GLY A 212 3.30 19.88 8.25
CA GLY A 212 1.89 19.70 8.58
C GLY A 212 1.07 20.98 8.44
N ASP A 213 -0.23 20.85 8.65
CA ASP A 213 -1.14 21.99 8.60
C ASP A 213 -1.62 22.24 10.02
N LEU A 214 -1.77 23.53 10.36
CA LEU A 214 -1.96 23.92 11.74
C LEU A 214 -3.16 23.20 12.34
N TRP A 215 -4.34 23.33 11.70
CA TRP A 215 -5.55 22.76 12.25
C TRP A 215 -5.41 21.24 12.36
N SER A 216 -4.86 20.64 11.30
CA SER A 216 -4.67 19.19 11.24
C SER A 216 -3.84 18.68 12.42
N ILE A 217 -2.61 19.19 12.55
CA ILE A 217 -1.73 18.64 13.56
C ILE A 217 -2.30 18.92 14.95
N THR A 218 -3.07 20.00 15.08
CA THR A 218 -3.67 20.33 16.37
C THR A 218 -4.68 19.27 16.79
N PHE A 219 -5.61 18.89 15.90
CA PHE A 219 -6.60 17.86 16.19
C PHE A 219 -5.92 16.48 16.27
N LEU A 220 -5.01 16.20 15.34
CA LEU A 220 -4.36 14.90 15.28
C LEU A 220 -3.55 14.63 16.54
N GLU A 221 -2.80 15.64 17.01
CA GLU A 221 -2.00 15.46 18.22
C GLU A 221 -2.90 15.33 19.45
N ASP A 222 -4.07 15.99 19.39
CA ASP A 222 -5.09 15.87 20.42
C ASP A 222 -5.59 14.41 20.50
N CYS A 223 -5.86 13.80 19.33
CA CYS A 223 -6.34 12.42 19.27
C CYS A 223 -5.31 11.44 19.82
N ASP A 224 -4.02 11.77 19.75
CA ASP A 224 -2.96 10.87 20.20
C ASP A 224 -2.78 10.95 21.71
N ALA A 225 -3.40 11.93 22.36
CA ALA A 225 -3.03 12.33 23.71
C ALA A 225 -3.98 11.78 24.78
N HIS A 226 -5.19 11.36 24.38
CA HIS A 226 -6.23 11.04 25.35
C HIS A 226 -6.85 9.68 25.08
N ASN A 227 -7.54 9.17 26.10
CA ASN A 227 -8.55 8.14 25.97
C ASN A 227 -9.74 8.75 25.22
N LEU A 228 -10.05 8.21 24.04
CA LEU A 228 -10.98 8.91 23.17
C LEU A 228 -12.42 8.56 23.54
N ARG A 229 -12.59 7.67 24.51
CA ARG A 229 -13.91 7.48 25.08
C ARG A 229 -14.27 8.66 25.96
N THR A 230 -13.27 9.43 26.40
CA THR A 230 -13.53 10.45 27.42
C THR A 230 -13.58 11.84 26.79
N GLU A 231 -13.41 11.92 25.48
CA GLU A 231 -13.44 13.19 24.78
C GLU A 231 -14.41 13.13 23.61
N THR A 232 -15.35 14.09 23.57
CA THR A 232 -16.37 14.10 22.52
C THR A 232 -15.84 14.89 21.34
N VAL A 233 -16.49 14.73 20.18
CA VAL A 233 -16.19 15.52 19.00
C VAL A 233 -16.38 17.01 19.33
N HIS A 234 -17.43 17.33 20.11
CA HIS A 234 -17.74 18.70 20.50
C HIS A 234 -16.64 19.32 21.37
N GLN A 235 -16.09 18.52 22.30
CA GLN A 235 -14.98 18.98 23.12
C GLN A 235 -13.74 19.25 22.26
N GLN A 236 -13.47 18.41 21.25
CA GLN A 236 -12.32 18.64 20.39
C GLN A 236 -12.55 19.94 19.61
N PHE A 237 -13.78 20.14 19.12
CA PHE A 237 -14.13 21.35 18.41
C PHE A 237 -13.71 22.56 19.24
N GLU A 238 -14.17 22.62 20.50
CA GLU A 238 -13.94 23.75 21.38
C GLU A 238 -12.45 23.87 21.70
N LEU A 239 -11.79 22.76 22.01
CA LEU A 239 -10.37 22.77 22.32
C LEU A 239 -9.58 23.36 21.15
N VAL A 240 -9.79 22.81 19.95
CA VAL A 240 -9.00 23.16 18.78
C VAL A 240 -9.33 24.58 18.31
N LYS A 241 -10.62 24.94 18.37
CA LYS A 241 -11.08 26.26 17.97
C LYS A 241 -10.37 27.33 18.80
N LYS A 242 -10.34 27.15 20.13
CA LYS A 242 -9.70 28.10 21.03
C LYS A 242 -8.20 28.15 20.76
N LYS A 243 -7.59 26.98 20.57
CA LYS A 243 -6.15 26.82 20.45
C LYS A 243 -5.59 27.57 19.22
N ILE A 244 -6.35 27.62 18.12
CA ILE A 244 -5.82 28.20 16.89
C ILE A 244 -6.65 29.41 16.46
N ALA A 245 -7.35 30.06 17.38
CA ALA A 245 -8.20 31.21 17.10
C ALA A 245 -7.43 32.35 16.44
N TYR A 246 -6.12 32.47 16.77
CA TYR A 246 -5.24 33.51 16.24
C TYR A 246 -4.99 33.30 14.75
N ALA A 247 -5.20 32.06 14.28
CA ALA A 247 -4.90 31.68 12.91
C ALA A 247 -6.16 31.71 12.05
N SER A 248 -7.15 30.87 12.39
CA SER A 248 -8.36 30.78 11.59
C SER A 248 -9.53 30.38 12.49
N THR A 249 -10.76 30.55 12.00
CA THR A 249 -11.94 30.23 12.77
C THR A 249 -12.45 28.83 12.44
N VAL A 250 -12.13 27.87 13.33
CA VAL A 250 -12.66 26.51 13.22
C VAL A 250 -14.18 26.60 13.19
N SER A 251 -14.79 25.95 12.20
CA SER A 251 -16.21 26.11 11.92
C SER A 251 -16.90 24.76 11.84
N GLN A 252 -18.17 24.69 12.27
CA GLN A 252 -18.93 23.44 12.26
C GLN A 252 -20.25 23.61 11.53
N TYR A 253 -20.72 22.51 10.89
CA TYR A 253 -21.91 22.49 10.06
C TYR A 253 -22.60 21.13 10.21
N GLY A 254 -23.86 21.07 9.75
CA GLY A 254 -24.62 19.83 9.72
C GLY A 254 -25.36 19.57 11.02
N ASP A 255 -25.39 18.31 11.42
CA ASP A 255 -26.18 17.81 12.53
C ASP A 255 -25.35 17.96 13.81
N ILE A 256 -25.39 19.15 14.42
CA ILE A 256 -24.51 19.47 15.53
C ILE A 256 -24.61 18.43 16.66
N PRO A 257 -25.81 17.93 17.08
CA PRO A 257 -25.89 16.90 18.11
C PRO A 257 -25.04 15.63 17.92
N ILE A 258 -24.63 15.33 16.68
CA ILE A 258 -23.80 14.16 16.41
C ILE A 258 -22.47 14.30 17.15
N SER A 259 -21.99 15.54 17.31
CA SER A 259 -20.71 15.84 17.93
C SER A 259 -20.72 15.56 19.43
N LYS A 260 -21.87 15.14 19.96
CA LYS A 260 -21.95 14.77 21.37
C LYS A 260 -21.40 13.37 21.58
N ASP A 261 -21.16 12.60 20.50
CA ASP A 261 -20.51 11.30 20.60
C ASP A 261 -19.04 11.47 21.00
N SER A 262 -18.52 10.56 21.80
CA SER A 262 -17.09 10.40 22.01
C SER A 262 -16.38 10.21 20.66
N LEU A 263 -15.13 10.71 20.58
CA LEU A 263 -14.30 10.51 19.41
C LEU A 263 -14.17 9.01 19.13
N SER A 264 -14.22 8.18 20.19
CA SER A 264 -13.96 6.77 20.06
C SER A 264 -15.03 6.10 19.20
N VAL A 265 -16.22 6.71 19.13
CA VAL A 265 -17.26 6.15 18.29
C VAL A 265 -16.79 6.11 16.84
N TYR A 266 -15.94 7.06 16.43
CA TYR A 266 -15.45 7.19 15.06
C TYR A 266 -14.04 6.59 14.90
N MET A 267 -13.19 6.72 15.93
CA MET A 267 -11.76 6.54 15.78
C MET A 267 -11.23 5.41 16.65
N GLY A 268 -12.08 4.83 17.51
CA GLY A 268 -11.61 3.95 18.57
C GLY A 268 -10.69 4.70 19.53
N THR A 269 -9.99 3.95 20.37
CA THR A 269 -9.00 4.56 21.26
C THR A 269 -7.78 3.64 21.37
N ASP A 270 -6.61 4.24 21.61
CA ASP A 270 -5.37 3.50 21.80
C ASP A 270 -5.36 2.95 23.23
N PRO A 271 -5.24 1.61 23.42
CA PRO A 271 -5.30 1.02 24.76
C PRO A 271 -4.26 1.63 25.69
N ALA A 272 -3.12 2.03 25.11
CA ALA A 272 -2.02 2.63 25.86
C ALA A 272 -2.43 3.94 26.52
N ASN A 273 -3.54 4.57 26.09
CA ASN A 273 -3.93 5.85 26.66
C ASN A 273 -5.12 5.72 27.62
N ASP A 274 -5.41 4.51 28.11
CA ASP A 274 -6.63 4.27 28.87
C ASP A 274 -6.75 5.18 30.10
N ASN A 275 -5.63 5.56 30.72
CA ASN A 275 -5.68 6.31 31.97
C ASN A 275 -5.56 7.82 31.70
N ARG A 276 -5.49 8.22 30.42
CA ARG A 276 -5.35 9.62 30.07
C ARG A 276 -6.74 10.22 29.84
N THR A 277 -7.47 10.45 30.94
CA THR A 277 -8.77 11.07 30.88
C THR A 277 -8.66 12.50 30.39
N PHE A 278 -9.56 12.87 29.47
CA PHE A 278 -9.59 14.21 28.90
C PHE A 278 -10.06 15.19 29.97
N VAL A 279 -9.39 16.32 30.03
CA VAL A 279 -9.68 17.34 31.02
C VAL A 279 -10.14 18.63 30.32
N ASP A 280 -11.25 19.16 30.84
CA ASP A 280 -11.92 20.36 30.36
C ASP A 280 -13.11 19.97 29.49
N GLU A 281 -13.71 20.98 28.84
CA GLU A 281 -14.72 20.73 27.83
C GLU A 281 -14.60 21.77 26.70
N ILE B 2 28.85 -5.50 4.95
CA ILE B 2 27.71 -6.48 5.11
C ILE B 2 26.57 -6.16 4.11
N GLY B 3 26.20 -4.88 3.96
CA GLY B 3 25.29 -4.43 2.91
C GLY B 3 23.79 -4.64 3.22
N THR B 4 22.93 -4.40 2.22
CA THR B 4 21.48 -4.46 2.40
C THR B 4 20.85 -5.56 1.51
N ARG B 5 19.79 -6.21 1.98
CA ARG B 5 19.03 -7.11 1.12
C ARG B 5 17.88 -6.36 0.45
N TRP B 6 17.79 -6.49 -0.87
CA TRP B 6 16.74 -5.91 -1.69
C TRP B 6 15.95 -7.01 -2.39
N ALA B 7 14.73 -6.65 -2.82
CA ALA B 7 13.88 -7.55 -3.57
C ALA B 7 13.01 -6.73 -4.52
N VAL B 8 12.70 -7.34 -5.67
CA VAL B 8 11.69 -6.84 -6.57
C VAL B 8 10.69 -7.97 -6.74
N LEU B 9 9.43 -7.72 -6.37
CA LEU B 9 8.38 -8.71 -6.53
C LEU B 9 7.38 -8.21 -7.57
N ILE B 10 7.06 -9.06 -8.55
CA ILE B 10 6.19 -8.61 -9.62
C ILE B 10 5.25 -9.73 -10.03
N ALA B 11 3.95 -9.43 -10.07
CA ALA B 11 2.97 -10.28 -10.73
C ALA B 11 2.63 -9.62 -12.05
N GLY B 12 2.84 -10.35 -13.16
CA GLY B 12 2.77 -9.70 -14.47
C GLY B 12 1.40 -9.78 -15.10
N SER B 13 0.37 -10.10 -14.31
CA SER B 13 -0.96 -10.30 -14.87
C SER B 13 -2.02 -9.45 -14.16
N LYS B 14 -3.22 -9.41 -14.73
CA LYS B 14 -4.37 -8.77 -14.12
C LYS B 14 -5.60 -9.65 -14.34
N GLY B 15 -6.69 -9.32 -13.64
CA GLY B 15 -7.94 -10.06 -13.74
C GLY B 15 -8.10 -11.02 -12.57
N TYR B 16 -9.32 -11.12 -12.05
CA TYR B 16 -9.56 -11.91 -10.85
C TYR B 16 -9.17 -13.38 -11.10
N HIS B 17 -9.26 -13.85 -12.35
CA HIS B 17 -8.98 -15.26 -12.61
C HIS B 17 -7.49 -15.56 -12.41
N ASN B 18 -6.65 -14.49 -12.44
CA ASN B 18 -5.21 -14.60 -12.22
C ASN B 18 -4.84 -14.31 -10.76
N TYR B 19 -5.81 -14.52 -9.86
CA TYR B 19 -5.67 -14.40 -8.42
C TYR B 19 -4.32 -14.93 -7.93
N ARG B 20 -3.93 -16.12 -8.41
CA ARG B 20 -2.79 -16.87 -7.93
C ARG B 20 -1.46 -16.11 -8.05
N HIS B 21 -1.31 -15.25 -9.11
CA HIS B 21 -0.05 -14.57 -9.35
C HIS B 21 0.21 -13.52 -8.28
N GLN B 22 -0.85 -12.78 -7.90
CA GLN B 22 -0.73 -11.76 -6.88
C GLN B 22 -0.61 -12.42 -5.51
N ALA B 23 -1.28 -13.57 -5.33
CA ALA B 23 -1.20 -14.34 -4.10
C ALA B 23 0.24 -14.83 -3.84
N ASP B 24 0.89 -15.39 -4.88
CA ASP B 24 2.26 -15.90 -4.80
C ASP B 24 3.20 -14.76 -4.39
N VAL B 25 3.03 -13.59 -5.00
CA VAL B 25 3.90 -12.45 -4.76
C VAL B 25 3.70 -11.92 -3.34
N CYS B 26 2.43 -11.83 -2.90
CA CYS B 26 2.15 -11.42 -1.54
C CYS B 26 2.82 -12.37 -0.55
N HIS B 27 2.73 -13.68 -0.83
CA HIS B 27 3.31 -14.70 0.02
C HIS B 27 4.83 -14.44 0.16
N MET B 28 5.50 -14.20 -0.97
CA MET B 28 6.92 -13.93 -0.97
C MET B 28 7.24 -12.72 -0.10
N TYR B 29 6.40 -11.68 -0.18
CA TYR B 29 6.60 -10.51 0.66
C TYR B 29 6.65 -10.92 2.12
N GLN B 30 5.73 -11.79 2.56
CA GLN B 30 5.60 -12.10 3.96
C GLN B 30 6.85 -12.84 4.42
N ILE B 31 7.49 -13.59 3.52
CA ILE B 31 8.70 -14.32 3.81
C ILE B 31 9.81 -13.32 4.11
N LEU B 32 9.94 -12.32 3.24
CA LEU B 32 10.96 -11.29 3.34
C LEU B 32 10.77 -10.48 4.62
N ARG B 33 9.52 -10.11 4.93
CA ARG B 33 9.23 -9.32 6.11
C ARG B 33 9.69 -10.08 7.35
N LYS B 34 9.32 -11.36 7.42
CA LYS B 34 9.62 -12.15 8.59
C LYS B 34 11.13 -12.36 8.70
N GLY B 35 11.83 -12.26 7.57
CA GLY B 35 13.26 -12.48 7.52
C GLY B 35 14.08 -11.23 7.89
N GLY B 36 13.42 -10.08 8.11
CA GLY B 36 14.15 -8.87 8.45
C GLY B 36 14.40 -7.93 7.26
N VAL B 37 13.85 -8.25 6.07
CA VAL B 37 14.08 -7.39 4.92
C VAL B 37 13.16 -6.18 5.02
N LYS B 38 13.68 -5.00 4.67
CA LYS B 38 12.94 -3.78 4.95
C LYS B 38 12.08 -3.36 3.76
N ASP B 39 10.91 -2.79 4.06
CA ASP B 39 9.95 -2.34 3.07
C ASP B 39 10.59 -1.38 2.07
N GLU B 40 11.46 -0.50 2.55
CA GLU B 40 12.07 0.49 1.67
C GLU B 40 12.98 -0.17 0.64
N ASN B 41 13.25 -1.48 0.84
CA ASN B 41 14.13 -2.21 -0.07
C ASN B 41 13.36 -3.30 -0.83
N ILE B 42 12.03 -3.36 -0.66
CA ILE B 42 11.21 -4.33 -1.39
C ILE B 42 10.29 -3.58 -2.35
N ILE B 43 10.56 -3.68 -3.66
CA ILE B 43 9.75 -3.01 -4.66
C ILE B 43 8.65 -3.98 -5.11
N VAL B 44 7.38 -3.57 -4.98
CA VAL B 44 6.28 -4.47 -5.31
C VAL B 44 5.48 -3.96 -6.50
N PHE B 45 5.34 -4.81 -7.51
CA PHE B 45 4.42 -4.61 -8.61
C PHE B 45 3.27 -5.61 -8.50
N MET B 46 2.05 -5.13 -8.22
CA MET B 46 0.87 -5.97 -8.33
C MET B 46 -0.35 -5.13 -8.70
N TYR B 47 -1.21 -5.71 -9.54
CA TYR B 47 -2.25 -4.93 -10.20
C TYR B 47 -3.19 -4.34 -9.16
N ASP B 48 -3.54 -5.15 -8.15
CA ASP B 48 -4.32 -4.76 -6.98
C ASP B 48 -5.81 -4.75 -7.32
N ASP B 49 -6.24 -5.80 -8.03
CA ASP B 49 -7.63 -5.98 -8.36
C ASP B 49 -8.17 -7.27 -7.73
N ILE B 50 -7.50 -7.78 -6.69
CA ILE B 50 -7.89 -9.06 -6.10
C ILE B 50 -8.60 -8.86 -4.76
N ALA B 51 -7.94 -8.13 -3.85
CA ALA B 51 -8.36 -8.08 -2.45
C ALA B 51 -9.77 -7.50 -2.29
N TYR B 52 -10.12 -6.50 -3.12
CA TYR B 52 -11.43 -5.90 -3.01
C TYR B 52 -12.26 -6.15 -4.27
N ASN B 53 -11.92 -7.22 -4.99
CA ASN B 53 -12.70 -7.64 -6.15
C ASN B 53 -14.11 -8.04 -5.70
N GLU B 54 -15.09 -7.81 -6.57
CA GLU B 54 -16.47 -8.18 -6.31
C GLU B 54 -16.58 -9.69 -6.15
N SER B 55 -15.72 -10.46 -6.83
CA SER B 55 -15.82 -11.91 -6.75
C SER B 55 -15.08 -12.44 -5.53
N ASN B 56 -14.34 -11.58 -4.82
CA ASN B 56 -13.57 -12.07 -3.68
C ASN B 56 -14.53 -12.31 -2.53
N PRO B 57 -14.72 -13.57 -2.09
CA PRO B 57 -15.60 -13.85 -0.95
C PRO B 57 -15.12 -13.29 0.37
N PHE B 58 -13.81 -12.95 0.47
CA PHE B 58 -13.23 -12.39 1.69
C PHE B 58 -12.55 -11.05 1.41
N PRO B 59 -13.31 -9.94 1.34
CA PRO B 59 -12.72 -8.62 1.09
C PRO B 59 -11.53 -8.29 1.99
N GLY B 60 -10.44 -7.81 1.37
CA GLY B 60 -9.26 -7.43 2.13
C GLY B 60 -8.32 -8.60 2.41
N ILE B 61 -8.71 -9.81 1.98
CA ILE B 61 -7.93 -11.00 2.23
C ILE B 61 -7.50 -11.65 0.90
N ILE B 62 -6.26 -12.14 0.87
CA ILE B 62 -5.75 -13.03 -0.17
C ILE B 62 -5.02 -14.18 0.52
N ILE B 63 -5.29 -15.42 0.09
CA ILE B 63 -4.58 -16.59 0.61
C ILE B 63 -3.87 -17.31 -0.55
N ASN B 64 -2.80 -18.04 -0.23
CA ASN B 64 -1.96 -18.70 -1.23
C ASN B 64 -2.00 -20.21 -1.01
N LYS B 65 -2.91 -20.66 -0.16
CA LYS B 65 -2.98 -22.03 0.32
C LYS B 65 -4.31 -22.17 1.04
N PRO B 66 -5.05 -23.29 0.88
CA PRO B 66 -6.27 -23.55 1.65
C PRO B 66 -5.96 -23.48 3.14
N GLY B 67 -6.70 -22.63 3.85
CA GLY B 67 -6.50 -22.54 5.30
C GLY B 67 -5.36 -21.59 5.68
N GLY B 68 -4.76 -20.93 4.66
CA GLY B 68 -3.58 -20.10 4.88
C GLY B 68 -3.94 -18.74 5.48
N GLU B 69 -2.90 -18.03 5.90
CA GLU B 69 -3.04 -16.69 6.44
C GLU B 69 -3.31 -15.71 5.30
N ASN B 70 -3.71 -14.50 5.69
CA ASN B 70 -3.93 -13.41 4.76
C ASN B 70 -2.57 -12.88 4.33
N VAL B 71 -2.16 -13.13 3.08
CA VAL B 71 -0.83 -12.72 2.65
C VAL B 71 -0.84 -11.26 2.19
N TYR B 72 -2.03 -10.66 2.11
CA TYR B 72 -2.17 -9.32 1.53
C TYR B 72 -1.87 -8.22 2.55
N LYS B 73 -2.08 -8.49 3.84
CA LYS B 73 -1.93 -7.48 4.87
C LYS B 73 -0.47 -7.00 4.93
N GLY B 74 -0.28 -5.68 4.78
CA GLY B 74 1.00 -5.05 5.02
C GLY B 74 1.94 -5.09 3.81
N VAL B 75 1.46 -5.64 2.69
CA VAL B 75 2.26 -5.70 1.47
C VAL B 75 2.30 -4.30 0.87
N PRO B 76 3.50 -3.69 0.71
CA PRO B 76 3.64 -2.38 0.07
C PRO B 76 3.20 -2.48 -1.38
N LYS B 77 2.65 -1.40 -1.91
CA LYS B 77 2.37 -1.39 -3.32
C LYS B 77 3.16 -0.23 -3.91
N ASP B 78 4.10 -0.54 -4.80
CA ASP B 78 4.89 0.51 -5.40
C ASP B 78 4.36 0.85 -6.79
N TYR B 79 3.87 -0.16 -7.51
CA TYR B 79 3.39 0.02 -8.87
C TYR B 79 2.15 -0.86 -9.02
N THR B 80 1.01 -0.22 -9.29
CA THR B 80 -0.25 -0.92 -9.43
C THR B 80 -0.89 -0.54 -10.76
N GLY B 81 -1.98 -1.22 -11.12
CA GLY B 81 -2.70 -0.93 -12.34
C GLY B 81 -1.74 -0.96 -13.54
N GLU B 82 -1.88 0.03 -14.43
CA GLU B 82 -1.12 0.04 -15.67
C GLU B 82 0.28 0.62 -15.48
N ASP B 83 0.67 0.89 -14.23
CA ASP B 83 2.04 1.31 -13.93
C ASP B 83 2.98 0.10 -13.85
N ILE B 84 2.42 -1.11 -13.94
CA ILE B 84 3.19 -2.31 -14.15
C ILE B 84 3.38 -2.50 -15.65
N ASN B 85 4.59 -2.17 -16.11
CA ASN B 85 4.94 -2.26 -17.53
C ASN B 85 6.45 -2.39 -17.63
N ASN B 86 6.94 -2.68 -18.84
CA ASN B 86 8.35 -2.88 -19.11
C ASN B 86 9.20 -1.71 -18.60
N VAL B 87 8.75 -0.49 -18.91
CA VAL B 87 9.50 0.72 -18.62
C VAL B 87 9.81 0.75 -17.13
N ASN B 88 8.77 0.65 -16.30
CA ASN B 88 8.93 0.79 -14.86
C ASN B 88 9.65 -0.42 -14.25
N PHE B 89 9.42 -1.61 -14.79
CA PHE B 89 10.04 -2.78 -14.23
C PHE B 89 11.56 -2.70 -14.44
N LEU B 90 11.97 -2.39 -15.69
CA LEU B 90 13.38 -2.40 -16.03
C LEU B 90 14.07 -1.19 -15.38
N ALA B 91 13.36 -0.06 -15.30
CA ALA B 91 13.88 1.12 -14.62
C ALA B 91 14.13 0.81 -13.13
N ALA B 92 13.19 0.07 -12.51
CA ALA B 92 13.30 -0.26 -11.11
C ALA B 92 14.53 -1.15 -10.88
N ILE B 93 14.76 -2.11 -11.79
CA ILE B 93 15.90 -3.01 -11.67
C ILE B 93 17.21 -2.22 -11.81
N LEU B 94 17.26 -1.33 -12.81
CA LEU B 94 18.46 -0.56 -13.09
C LEU B 94 18.71 0.46 -11.99
N GLY B 95 17.65 0.82 -11.24
CA GLY B 95 17.74 1.86 -10.23
C GLY B 95 17.72 3.28 -10.80
N ASN B 96 17.07 3.46 -11.96
CA ASN B 96 16.99 4.76 -12.61
C ASN B 96 15.65 5.42 -12.26
N LYS B 97 15.64 6.21 -11.17
CA LYS B 97 14.44 6.86 -10.66
C LYS B 97 13.81 7.78 -11.71
N SER B 98 14.67 8.45 -12.48
CA SER B 98 14.18 9.47 -13.38
C SER B 98 13.54 8.85 -14.62
N ALA B 99 13.55 7.52 -14.75
CA ALA B 99 12.91 6.89 -15.90
C ALA B 99 11.54 6.28 -15.55
N ILE B 100 11.18 6.30 -14.26
CA ILE B 100 9.91 5.77 -13.76
C ILE B 100 8.76 6.70 -14.16
N ILE B 101 7.65 6.10 -14.64
CA ILE B 101 6.41 6.82 -14.94
C ILE B 101 5.26 6.32 -14.05
N GLY B 102 4.83 7.14 -13.08
CA GLY B 102 3.80 6.71 -12.16
C GLY B 102 4.37 5.82 -11.05
N GLY B 103 3.49 5.39 -10.13
CA GLY B 103 3.91 4.59 -8.99
C GLY B 103 4.72 5.41 -8.00
N SER B 104 5.39 4.71 -7.07
CA SER B 104 5.95 5.34 -5.89
C SER B 104 7.29 5.98 -6.19
N GLY B 105 8.01 5.45 -7.19
CA GLY B 105 9.35 5.93 -7.51
C GLY B 105 10.44 5.11 -6.81
N LYS B 106 10.04 4.14 -5.99
CA LYS B 106 10.99 3.23 -5.38
C LYS B 106 11.72 2.42 -6.47
N VAL B 107 13.05 2.33 -6.39
CA VAL B 107 13.86 1.59 -7.37
C VAL B 107 15.04 0.92 -6.66
N LEU B 108 15.77 0.06 -7.37
CA LEU B 108 16.96 -0.57 -6.82
C LEU B 108 18.14 0.41 -6.84
N ASP B 109 18.19 1.31 -5.86
CA ASP B 109 19.33 2.19 -5.63
C ASP B 109 20.38 1.45 -4.82
N THR B 110 20.97 0.42 -5.44
CA THR B 110 21.78 -0.54 -4.71
C THR B 110 23.24 -0.14 -4.76
N SER B 111 24.00 -0.67 -3.80
CA SER B 111 25.42 -0.45 -3.64
C SER B 111 26.15 -1.77 -3.83
N PRO B 112 27.48 -1.75 -4.15
CA PRO B 112 28.26 -2.96 -4.41
C PRO B 112 28.18 -4.16 -3.47
N ASN B 113 27.80 -3.96 -2.20
CA ASN B 113 27.74 -5.05 -1.22
C ASN B 113 26.33 -5.54 -0.99
N ASP B 114 25.38 -5.09 -1.81
CA ASP B 114 23.98 -5.42 -1.58
C ASP B 114 23.62 -6.73 -2.29
N HIS B 115 22.61 -7.44 -1.75
CA HIS B 115 22.06 -8.64 -2.39
C HIS B 115 20.69 -8.33 -2.98
N ILE B 116 20.41 -8.90 -4.17
CA ILE B 116 19.16 -8.64 -4.84
C ILE B 116 18.40 -9.95 -5.08
N PHE B 117 17.13 -9.98 -4.70
CA PHE B 117 16.26 -11.11 -5.01
C PHE B 117 15.11 -10.63 -5.89
N ILE B 118 14.95 -11.22 -7.07
CA ILE B 118 13.83 -10.83 -7.92
C ILE B 118 12.88 -12.01 -8.08
N TYR B 119 11.58 -11.76 -7.89
CA TYR B 119 10.63 -12.82 -8.08
C TYR B 119 9.51 -12.35 -9.01
N TYR B 120 9.36 -13.05 -10.15
CA TYR B 120 8.31 -12.76 -11.10
C TYR B 120 7.32 -13.92 -11.14
N ALA B 121 6.02 -13.59 -11.13
CA ALA B 121 5.01 -14.62 -11.34
C ALA B 121 3.95 -14.13 -12.32
N GLY B 123 3.50 -16.62 -19.48
CA GLY B 123 4.71 -16.65 -20.28
C GLY B 123 4.52 -17.40 -21.60
N ALA B 124 5.45 -17.16 -22.53
CA ALA B 124 5.46 -17.81 -23.82
C ALA B 124 6.91 -17.83 -24.30
N PRO B 125 7.28 -18.60 -25.35
CA PRO B 125 8.68 -18.66 -25.76
C PRO B 125 9.28 -17.28 -26.02
N GLY B 126 10.27 -16.91 -25.20
CA GLY B 126 11.02 -15.68 -25.35
C GLY B 126 10.40 -14.44 -24.70
N LYS B 127 9.34 -14.61 -23.91
CA LYS B 127 8.63 -13.46 -23.36
C LYS B 127 7.81 -13.82 -22.11
N ILE B 128 7.68 -12.86 -21.21
CA ILE B 128 6.77 -12.97 -20.08
C ILE B 128 5.77 -11.81 -20.13
N GLY B 129 4.63 -12.01 -19.47
CA GLY B 129 3.50 -11.10 -19.54
C GLY B 129 3.71 -9.83 -18.72
N MET B 130 3.07 -8.75 -19.18
CA MET B 130 2.75 -7.59 -18.37
C MET B 130 1.23 -7.48 -18.42
N PRO B 131 0.57 -6.75 -17.49
CA PRO B 131 -0.88 -6.63 -17.50
C PRO B 131 -1.46 -6.28 -18.87
N SER B 132 -0.83 -5.34 -19.57
CA SER B 132 -1.15 -5.03 -20.96
C SER B 132 0.11 -5.16 -21.82
N LYS B 133 -0.07 -5.39 -23.12
CA LYS B 133 0.99 -5.22 -24.10
C LYS B 133 1.59 -3.82 -23.93
N PRO B 134 2.92 -3.60 -24.14
CA PRO B 134 3.84 -4.65 -24.61
C PRO B 134 4.30 -5.65 -23.53
N TYR B 135 4.51 -6.90 -23.93
CA TYR B 135 5.10 -7.91 -23.07
C TYR B 135 6.62 -7.72 -23.01
N LEU B 136 7.27 -8.46 -22.11
CA LEU B 136 8.69 -8.34 -21.84
C LEU B 136 9.45 -9.45 -22.56
N TYR B 137 10.24 -9.08 -23.57
CA TYR B 137 11.07 -10.00 -24.33
C TYR B 137 12.37 -10.28 -23.60
N ALA B 138 12.88 -11.51 -23.79
CA ALA B 138 14.09 -12.01 -23.14
C ALA B 138 15.27 -11.06 -23.35
N ASP B 139 15.49 -10.62 -24.59
CA ASP B 139 16.64 -9.76 -24.93
C ASP B 139 16.58 -8.46 -24.14
N ASP B 140 15.37 -7.90 -24.03
CA ASP B 140 15.12 -6.66 -23.32
C ASP B 140 15.45 -6.84 -21.83
N LEU B 141 15.00 -7.96 -21.24
CA LEU B 141 15.28 -8.24 -19.83
C LEU B 141 16.77 -8.42 -19.61
N VAL B 142 17.38 -9.26 -20.44
CA VAL B 142 18.79 -9.60 -20.27
C VAL B 142 19.68 -8.37 -20.48
N ASP B 143 19.31 -7.48 -21.43
CA ASP B 143 20.08 -6.25 -21.65
C ASP B 143 20.08 -5.37 -20.40
N THR B 144 18.92 -5.26 -19.73
CA THR B 144 18.86 -4.50 -18.47
C THR B 144 19.74 -5.17 -17.42
N LEU B 145 19.72 -6.50 -17.36
CA LEU B 145 20.55 -7.22 -16.43
C LEU B 145 22.04 -7.02 -16.73
N LYS B 146 22.39 -6.90 -18.01
CA LYS B 146 23.77 -6.61 -18.41
C LYS B 146 24.16 -5.18 -18.02
N GLN B 147 23.24 -4.21 -18.21
CA GLN B 147 23.55 -2.83 -17.84
C GLN B 147 23.77 -2.73 -16.34
N LYS B 148 22.93 -3.43 -15.56
CA LYS B 148 23.00 -3.36 -14.11
C LYS B 148 24.34 -3.93 -13.64
N ALA B 149 24.75 -5.05 -14.26
CA ALA B 149 26.01 -5.69 -13.96
C ALA B 149 27.16 -4.72 -14.22
N ALA B 150 27.13 -4.04 -15.38
CA ALA B 150 28.19 -3.09 -15.74
C ALA B 150 28.36 -1.99 -14.69
N THR B 151 27.28 -1.65 -13.96
CA THR B 151 27.38 -0.61 -12.94
C THR B 151 28.06 -1.12 -11.67
N GLY B 152 28.17 -2.45 -11.51
CA GLY B 152 28.76 -3.08 -10.33
C GLY B 152 28.05 -2.73 -9.02
N THR B 153 26.75 -2.41 -9.09
CA THR B 153 26.06 -1.91 -7.91
C THR B 153 25.27 -3.01 -7.19
N TYR B 154 25.83 -4.22 -7.14
CA TYR B 154 25.31 -5.28 -6.29
C TYR B 154 26.44 -6.31 -6.12
N LYS B 155 26.34 -7.11 -5.07
CA LYS B 155 27.28 -8.20 -4.83
C LYS B 155 26.85 -9.41 -5.66
N SER B 156 25.60 -9.86 -5.48
CA SER B 156 25.07 -10.96 -6.29
C SER B 156 23.55 -10.89 -6.30
N MET B 157 22.95 -11.57 -7.28
CA MET B 157 21.52 -11.45 -7.56
C MET B 157 20.93 -12.82 -7.90
N VAL B 158 19.77 -13.11 -7.32
CA VAL B 158 18.99 -14.31 -7.57
C VAL B 158 17.65 -13.87 -8.18
N PHE B 159 17.23 -14.57 -9.26
CA PHE B 159 16.04 -14.25 -10.02
C PHE B 159 15.20 -15.52 -10.18
N TYR B 160 14.01 -15.56 -9.58
CA TYR B 160 13.09 -16.67 -9.67
C TYR B 160 11.93 -16.31 -10.59
N VAL B 161 11.63 -17.17 -11.57
CA VAL B 161 10.61 -16.87 -12.55
C VAL B 161 9.57 -17.99 -12.59
N GLU B 162 8.34 -17.64 -12.21
CA GLU B 162 7.16 -18.50 -12.40
C GLU B 162 6.41 -18.06 -13.66
N ALA B 163 6.54 -18.82 -14.74
CA ALA B 163 5.82 -18.55 -16.00
C ALA B 163 5.94 -19.79 -16.88
N CYS B 164 5.09 -19.86 -17.92
CA CYS B 164 5.24 -20.83 -18.98
C CYS B 164 6.52 -20.51 -19.76
N ASN B 165 7.28 -21.55 -20.11
CA ASN B 165 8.50 -21.46 -20.94
C ASN B 165 9.53 -20.54 -20.25
N ALA B 166 9.51 -20.54 -18.91
CA ALA B 166 10.25 -19.56 -18.11
C ALA B 166 11.73 -19.53 -18.48
N GLY B 167 12.30 -20.73 -18.70
CA GLY B 167 13.70 -20.88 -18.97
C GLY B 167 14.10 -20.14 -20.24
N SER B 168 13.13 -19.86 -21.12
CA SER B 168 13.38 -19.17 -22.38
C SER B 168 13.82 -17.73 -22.16
N MET B 169 13.57 -17.19 -20.97
CA MET B 169 13.98 -15.82 -20.69
C MET B 169 15.48 -15.75 -20.50
N PHE B 170 16.13 -16.88 -20.20
CA PHE B 170 17.53 -16.85 -19.80
C PHE B 170 18.39 -17.78 -20.65
N GLU B 171 17.76 -18.81 -21.24
CA GLU B 171 18.43 -19.84 -22.05
C GLU B 171 19.27 -19.20 -23.14
N GLY B 172 20.59 -19.35 -23.05
CA GLY B 172 21.50 -18.92 -24.09
C GLY B 172 21.71 -17.40 -24.12
N LEU B 173 21.23 -16.68 -23.09
CA LEU B 173 21.29 -15.23 -23.05
C LEU B 173 22.01 -14.77 -21.79
N LEU B 174 21.66 -15.35 -20.65
CA LEU B 174 22.07 -14.82 -19.36
C LEU B 174 23.56 -15.14 -19.15
N PRO B 175 24.43 -14.11 -18.99
CA PRO B 175 25.86 -14.35 -18.79
C PRO B 175 26.10 -15.12 -17.50
N GLU B 176 27.26 -15.76 -17.40
CA GLU B 176 27.53 -16.72 -16.34
C GLU B 176 28.58 -16.21 -15.37
N GLY B 177 29.08 -14.97 -15.56
CA GLY B 177 30.16 -14.47 -14.73
C GLY B 177 29.87 -13.09 -14.12
N THR B 178 28.59 -12.69 -14.03
CA THR B 178 28.21 -11.38 -13.51
C THR B 178 27.36 -11.52 -12.25
N ASN B 179 27.50 -12.66 -11.59
CA ASN B 179 26.92 -12.89 -10.27
C ASN B 179 25.39 -12.87 -10.29
N ILE B 180 24.78 -13.33 -11.39
CA ILE B 180 23.34 -13.44 -11.46
C ILE B 180 22.97 -14.90 -11.67
N TYR B 181 22.22 -15.45 -10.71
CA TYR B 181 21.70 -16.80 -10.80
C TYR B 181 20.17 -16.77 -11.01
N ALA B 182 19.68 -17.54 -12.00
CA ALA B 182 18.25 -17.60 -12.27
C ALA B 182 17.73 -19.03 -12.08
N MET B 183 16.55 -19.15 -11.43
CA MET B 183 15.82 -20.41 -11.36
C MET B 183 14.42 -20.20 -11.94
N ALA B 184 14.02 -21.14 -12.80
CA ALA B 184 12.78 -21.02 -13.54
C ALA B 184 11.89 -22.25 -13.28
N ALA B 185 10.57 -22.01 -13.20
CA ALA B 185 9.58 -23.04 -12.94
C ALA B 185 9.61 -24.12 -14.02
N SER B 186 10.01 -23.74 -15.23
CA SER B 186 9.94 -24.64 -16.37
C SER B 186 11.06 -24.30 -17.34
N ASN B 187 11.47 -25.28 -18.15
CA ASN B 187 12.44 -25.03 -19.19
C ASN B 187 11.79 -24.28 -20.36
N SER B 188 12.58 -24.00 -21.40
CA SER B 188 12.16 -23.10 -22.48
C SER B 188 11.00 -23.62 -23.31
N THR B 189 10.73 -24.93 -23.25
CA THR B 189 9.73 -25.54 -24.13
C THR B 189 8.52 -26.06 -23.35
N GLU B 190 8.48 -25.85 -22.03
CA GLU B 190 7.42 -26.43 -21.19
C GLU B 190 6.51 -25.35 -20.62
N GLY B 191 5.22 -25.68 -20.44
CA GLY B 191 4.34 -24.89 -19.60
C GLY B 191 4.56 -25.22 -18.13
N SER B 192 4.05 -24.36 -17.23
CA SER B 192 4.11 -24.65 -15.81
C SER B 192 2.69 -24.85 -15.26
N TRP B 193 2.57 -25.56 -14.14
CA TRP B 193 1.27 -25.99 -13.63
C TRP B 193 0.74 -25.02 -12.58
N ILE B 194 -0.59 -24.94 -12.52
CA ILE B 194 -1.34 -24.25 -11.49
C ILE B 194 -1.64 -25.28 -10.40
N THR B 195 -2.02 -24.83 -9.20
CA THR B 195 -2.40 -25.75 -8.14
C THR B 195 -3.42 -25.09 -7.22
N TYR B 196 -3.89 -25.85 -6.21
CA TYR B 196 -4.92 -25.41 -5.26
C TYR B 196 -6.16 -24.93 -6.01
N CYS B 197 -6.76 -25.85 -6.78
CA CYS B 197 -7.83 -25.50 -7.69
C CYS B 197 -9.18 -26.00 -7.16
N PRO B 198 -10.32 -25.36 -7.54
CA PRO B 198 -11.66 -25.87 -7.17
C PRO B 198 -11.80 -27.35 -7.53
N GLY B 199 -12.44 -28.11 -6.64
CA GLY B 199 -12.73 -29.53 -6.88
C GLY B 199 -11.70 -30.49 -6.29
N THR B 200 -10.50 -30.00 -5.95
CA THR B 200 -9.38 -30.76 -5.44
C THR B 200 -9.52 -30.88 -3.92
N PRO B 201 -8.91 -31.90 -3.26
CA PRO B 201 -9.04 -32.06 -1.81
C PRO B 201 -8.58 -30.85 -0.99
N ASP B 202 -9.32 -30.59 0.10
CA ASP B 202 -9.02 -29.56 1.08
C ASP B 202 -9.36 -28.16 0.57
N PHE B 203 -9.87 -28.04 -0.67
CA PHE B 203 -10.07 -26.73 -1.28
C PHE B 203 -11.28 -26.01 -0.67
N PRO B 204 -11.16 -24.73 -0.26
CA PRO B 204 -12.27 -24.01 0.37
C PRO B 204 -13.32 -23.71 -0.69
N PRO B 205 -14.53 -24.31 -0.60
CA PRO B 205 -15.53 -24.18 -1.66
C PRO B 205 -16.12 -22.79 -1.91
N GLU B 206 -15.74 -21.78 -1.12
CA GLU B 206 -16.28 -20.44 -1.30
C GLU B 206 -15.56 -19.72 -2.43
N PHE B 207 -14.44 -20.29 -2.91
CA PHE B 207 -13.57 -19.71 -3.91
C PHE B 207 -13.83 -20.35 -5.28
N ASP B 208 -13.65 -19.60 -6.37
CA ASP B 208 -13.88 -20.19 -7.69
C ASP B 208 -12.63 -20.07 -8.56
N VAL B 209 -11.47 -19.78 -7.93
CA VAL B 209 -10.21 -19.57 -8.63
C VAL B 209 -9.12 -20.40 -7.95
N CYS B 210 -8.07 -20.75 -8.70
CA CYS B 210 -6.91 -21.43 -8.15
C CYS B 210 -6.11 -20.45 -7.28
N LEU B 211 -5.60 -20.94 -6.15
CA LEU B 211 -4.96 -20.07 -5.15
C LEU B 211 -3.48 -19.85 -5.43
N GLY B 212 -2.83 -20.76 -6.16
CA GLY B 212 -1.39 -20.67 -6.31
C GLY B 212 -0.87 -21.40 -7.54
N ASP B 213 0.44 -21.25 -7.80
CA ASP B 213 1.12 -21.95 -8.88
C ASP B 213 2.01 -23.01 -8.26
N LEU B 214 2.08 -24.17 -8.92
CA LEU B 214 2.70 -25.33 -8.32
C LEU B 214 4.12 -25.02 -7.90
N TRP B 215 4.96 -24.54 -8.84
CA TRP B 215 6.36 -24.33 -8.52
C TRP B 215 6.49 -23.29 -7.41
N SER B 216 5.69 -22.22 -7.51
CA SER B 216 5.70 -21.12 -6.55
C SER B 216 5.41 -21.63 -5.14
N ILE B 217 4.25 -22.26 -4.93
CA ILE B 217 3.89 -22.65 -3.59
C ILE B 217 4.87 -23.69 -3.06
N THR B 218 5.50 -24.46 -3.96
CA THR B 218 6.46 -25.46 -3.53
C THR B 218 7.69 -24.80 -2.91
N PHE B 219 8.29 -23.81 -3.59
CA PHE B 219 9.44 -23.09 -3.06
C PHE B 219 9.02 -22.22 -1.87
N LEU B 220 7.87 -21.53 -1.99
CA LEU B 220 7.44 -20.60 -0.96
C LEU B 220 7.17 -21.35 0.35
N GLU B 221 6.51 -22.50 0.28
CA GLU B 221 6.23 -23.28 1.47
C GLU B 221 7.53 -23.83 2.06
N ASP B 222 8.50 -24.10 1.19
CA ASP B 222 9.83 -24.55 1.59
C ASP B 222 10.52 -23.47 2.42
N CYS B 223 10.45 -22.21 1.96
CA CYS B 223 11.02 -21.08 2.68
C CYS B 223 10.38 -20.87 4.06
N ASP B 224 9.10 -21.26 4.21
CA ASP B 224 8.38 -21.04 5.46
C ASP B 224 8.70 -22.13 6.47
N ALA B 225 9.39 -23.18 6.04
CA ALA B 225 9.50 -24.41 6.81
C ALA B 225 10.84 -24.50 7.55
N HIS B 226 11.85 -23.72 7.13
CA HIS B 226 13.21 -23.95 7.59
C HIS B 226 13.88 -22.68 8.09
N ASN B 227 14.94 -22.90 8.87
CA ASN B 227 15.94 -21.89 9.14
C ASN B 227 16.72 -21.68 7.84
N LEU B 228 16.69 -20.45 7.32
CA LEU B 228 17.15 -20.26 5.95
C LEU B 228 18.66 -20.07 5.93
N ARG B 229 19.28 -20.02 7.11
CA ARG B 229 20.74 -20.08 7.16
C ARG B 229 21.22 -21.50 6.84
N THR B 230 20.32 -22.49 6.98
CA THR B 230 20.75 -23.88 6.93
C THR B 230 20.40 -24.51 5.59
N GLU B 231 19.81 -23.72 4.68
CA GLU B 231 19.47 -24.24 3.37
C GLU B 231 20.03 -23.32 2.30
N THR B 232 20.77 -23.91 1.34
CA THR B 232 21.32 -23.10 0.26
C THR B 232 20.30 -22.99 -0.87
N VAL B 233 20.55 -22.04 -1.78
CA VAL B 233 19.77 -21.91 -3.01
C VAL B 233 19.84 -23.21 -3.80
N HIS B 234 21.03 -23.81 -3.83
CA HIS B 234 21.28 -25.06 -4.55
C HIS B 234 20.44 -26.21 -4.01
N GLN B 235 20.35 -26.31 -2.67
CA GLN B 235 19.52 -27.33 -2.04
C GLN B 235 18.04 -27.11 -2.35
N GLN B 236 17.56 -25.85 -2.39
CA GLN B 236 16.18 -25.60 -2.73
C GLN B 236 15.94 -26.03 -4.17
N PHE B 237 16.89 -25.71 -5.05
CA PHE B 237 16.79 -26.10 -6.44
C PHE B 237 16.52 -27.61 -6.54
N GLU B 238 17.38 -28.40 -5.89
CA GLU B 238 17.32 -29.86 -5.93
C GLU B 238 16.01 -30.37 -5.31
N LEU B 239 15.65 -29.82 -4.15
CA LEU B 239 14.44 -30.24 -3.45
C LEU B 239 13.23 -29.98 -4.35
N VAL B 240 13.09 -28.76 -4.86
CA VAL B 240 11.90 -28.35 -5.60
C VAL B 240 11.85 -29.03 -6.97
N LYS B 241 13.02 -29.19 -7.59
CA LYS B 241 13.09 -29.87 -8.88
C LYS B 241 12.55 -31.30 -8.78
N LYS B 242 13.02 -32.05 -7.77
CA LYS B 242 12.57 -33.42 -7.56
C LYS B 242 11.08 -33.45 -7.23
N LYS B 243 10.62 -32.52 -6.41
CA LYS B 243 9.26 -32.48 -5.87
C LYS B 243 8.22 -32.30 -6.98
N ILE B 244 8.53 -31.54 -8.04
CA ILE B 244 7.53 -31.26 -9.06
C ILE B 244 7.94 -31.79 -10.44
N ALA B 245 8.80 -32.81 -10.46
CA ALA B 245 9.35 -33.35 -11.70
C ALA B 245 8.26 -33.84 -12.65
N TYR B 246 7.13 -34.30 -12.11
CA TYR B 246 6.02 -34.85 -12.91
C TYR B 246 5.32 -33.74 -13.68
N ALA B 247 5.51 -32.49 -13.23
CA ALA B 247 4.79 -31.35 -13.77
C ALA B 247 5.64 -30.60 -14.78
N SER B 248 6.83 -30.17 -14.39
CA SER B 248 7.69 -29.39 -15.26
C SER B 248 9.13 -29.54 -14.79
N THR B 249 10.08 -29.13 -15.62
CA THR B 249 11.49 -29.30 -15.30
C THR B 249 12.07 -27.99 -14.75
N VAL B 250 12.22 -27.91 -13.42
CA VAL B 250 12.84 -26.76 -12.79
C VAL B 250 14.24 -26.60 -13.38
N SER B 251 14.56 -25.38 -13.81
CA SER B 251 15.75 -25.14 -14.61
C SER B 251 16.52 -23.96 -14.02
N GLN B 252 17.86 -24.04 -14.11
CA GLN B 252 18.72 -22.98 -13.60
C GLN B 252 19.63 -22.44 -14.71
N TYR B 253 19.96 -21.14 -14.60
CA TYR B 253 20.74 -20.39 -15.56
C TYR B 253 21.62 -19.37 -14.83
N GLY B 254 22.59 -18.82 -15.56
CA GLY B 254 23.44 -17.78 -15.03
C GLY B 254 24.67 -18.33 -14.34
N ASP B 255 25.08 -17.61 -13.30
CA ASP B 255 26.24 -17.89 -12.48
C ASP B 255 25.87 -18.95 -11.44
N ILE B 256 25.94 -20.23 -11.84
CA ILE B 256 25.52 -21.32 -10.99
C ILE B 256 26.17 -21.27 -9.61
N PRO B 257 27.50 -20.97 -9.46
CA PRO B 257 28.11 -20.91 -8.13
C PRO B 257 27.46 -20.00 -7.08
N ILE B 258 26.66 -19.02 -7.55
CA ILE B 258 25.96 -18.11 -6.64
C ILE B 258 25.02 -18.90 -5.74
N SER B 259 24.49 -20.01 -6.25
CA SER B 259 23.53 -20.86 -5.56
C SER B 259 24.13 -21.61 -4.37
N LYS B 260 25.45 -21.43 -4.15
CA LYS B 260 26.10 -21.94 -2.95
C LYS B 260 25.69 -21.16 -1.69
N ASP B 261 25.14 -19.95 -1.88
CA ASP B 261 24.72 -19.10 -0.77
C ASP B 261 23.51 -19.71 -0.05
N SER B 262 23.47 -19.55 1.28
CA SER B 262 22.24 -19.82 2.02
C SER B 262 21.11 -18.93 1.49
N LEU B 263 19.87 -19.43 1.59
CA LEU B 263 18.72 -18.61 1.22
C LEU B 263 18.70 -17.32 2.04
N SER B 264 19.23 -17.39 3.27
CA SER B 264 19.15 -16.27 4.20
C SER B 264 19.92 -15.07 3.67
N VAL B 265 20.90 -15.33 2.80
CA VAL B 265 21.66 -14.24 2.21
C VAL B 265 20.71 -13.29 1.46
N TYR B 266 19.64 -13.85 0.87
CA TYR B 266 18.68 -13.10 0.07
C TYR B 266 17.40 -12.77 0.84
N MET B 267 16.98 -13.66 1.76
CA MET B 267 15.63 -13.63 2.29
C MET B 267 15.61 -13.41 3.80
N GLY B 268 16.80 -13.40 4.43
CA GLY B 268 16.86 -13.48 5.88
C GLY B 268 16.26 -14.80 6.36
N THR B 269 15.98 -14.90 7.66
CA THR B 269 15.30 -16.07 8.19
C THR B 269 14.30 -15.64 9.27
N ASP B 270 13.22 -16.41 9.44
CA ASP B 270 12.25 -16.14 10.48
C ASP B 270 12.79 -16.65 11.81
N PRO B 271 12.95 -15.79 12.84
CA PRO B 271 13.49 -16.23 14.14
C PRO B 271 12.74 -17.45 14.69
N ALA B 272 11.45 -17.51 14.39
CA ALA B 272 10.58 -18.57 14.87
C ALA B 272 11.01 -19.93 14.34
N ASN B 273 11.80 -19.96 13.25
CA ASN B 273 12.19 -21.23 12.65
C ASN B 273 13.64 -21.60 12.97
N ASP B 274 14.24 -20.99 14.00
CA ASP B 274 15.65 -21.18 14.30
C ASP B 274 16.01 -22.65 14.52
N ASN B 275 15.07 -23.47 15.03
CA ASN B 275 15.33 -24.86 15.38
C ASN B 275 15.08 -25.80 14.20
N ARG B 276 14.59 -25.26 13.08
CA ARG B 276 14.16 -26.09 11.97
C ARG B 276 15.30 -26.23 10.95
N THR B 277 16.34 -26.98 11.34
CA THR B 277 17.47 -27.31 10.50
C THR B 277 17.02 -28.08 9.26
N PHE B 278 17.53 -27.64 8.10
CA PHE B 278 17.21 -28.28 6.84
C PHE B 278 17.97 -29.59 6.77
N VAL B 279 17.28 -30.65 6.33
CA VAL B 279 17.87 -31.97 6.20
C VAL B 279 17.78 -32.41 4.74
N ASP B 280 18.92 -32.82 4.17
CA ASP B 280 19.03 -33.21 2.78
C ASP B 280 18.38 -34.59 2.60
#